data_7Z8E
#
_entry.id   7Z8E
#
_cell.length_a   59.900
_cell.length_b   73.770
_cell.length_c   140.830
_cell.angle_alpha   90.000
_cell.angle_beta   90.000
_cell.angle_gamma   90.000
#
_symmetry.space_group_name_H-M   'P 21 21 21'
#
loop_
_entity.id
_entity.type
_entity.pdbx_description
1 polymer 'ABC transporter substrate-binding protein'
2 polymer GLY-SER-ASP-VAL-ALA
3 polymer SER-SER
4 non-polymer 'TETRAETHYLENE GLYCOL'
5 non-polymer 1,2-ETHANEDIOL
6 non-polymer 'MAGNESIUM ION'
7 water water
#
loop_
_entity_poly.entity_id
_entity_poly.type
_entity_poly.pdbx_seq_one_letter_code
_entity_poly.pdbx_strand_id
1 'polypeptide(L)'
;MGSSHHHHHHSSGLVPRGSHMEEQPVWHHATSSIGEPKYKDGFARFDYVNPDAPKGGELRLSESGTFDSFNPILAKGEVA
TGVSSLVFETLLKSAEDEITTSYGLLAEGISYPDDISSATFRLRAEAKWADGKPVTPEDVVFSFDMVKEHNPLFSNYYRH
VISAEKTGERDVTFRFDEKNNHELPNILGQFPILPKHWWEGQDAKGSKRDISRTTLEPVMGSGPYKIASFQAGGSIRFEL
RDDYWGKDLNVNVGRYNFRTINYAFFSDRSVQFEAFRAGNVDFYQDNSASHWATAYDFPAMKDGRVIREEIENPLRATGI
MQAFVPNMRREKFKDQRVRQALNYAFDFEDLNRSLAHNAFQRVDSYFWGTELASSGLPEGREKEILEELKDKVPAAVFTT
PYKNPVNGDPQKVRDNLRKALALFKEAGYELKGSRLVNAKTGEPFSFEILLSNPTFERTVTPFVNSVRKIGIDARIRTVD
DSQYTNRVRSYDYDMIYGIWAQTLVPGNEQSDYWGSASVNQPGSRNYAGIADPAIDELIRRIVFAPNREELVATTRALDR
VLLAHHYVVPLFYSKALRVAYWNHLARPKELPYYGMDFPDAWWSKNTAAK
;
A
2 'polypeptide(L)' GSDVA B
3 'polypeptide(L)' SS D
#
loop_
_chem_comp.id
_chem_comp.type
_chem_comp.name
_chem_comp.formula
EDO non-polymer 1,2-ETHANEDIOL 'C2 H6 O2'
MG non-polymer 'MAGNESIUM ION' 'Mg 2'
PG4 non-polymer 'TETRAETHYLENE GLYCOL' 'C8 H18 O5'
#
# COMPACT_ATOMS: atom_id res chain seq x y z
N MET A 21 21.63 5.70 32.22
CA MET A 21 21.76 4.28 32.57
C MET A 21 20.45 3.51 32.26
N GLU A 22 20.50 2.17 32.41
CA GLU A 22 19.32 1.33 32.23
C GLU A 22 18.49 1.36 33.53
N GLU A 23 17.17 1.21 33.42
CA GLU A 23 16.24 1.21 34.55
C GLU A 23 15.46 -0.11 34.54
N GLN A 24 14.71 -0.40 35.63
CA GLN A 24 13.81 -1.56 35.66
C GLN A 24 12.86 -1.45 34.43
N PRO A 25 12.81 -2.52 33.59
CA PRO A 25 11.97 -2.46 32.37
C PRO A 25 10.49 -2.16 32.65
N VAL A 26 9.89 -1.46 31.72
CA VAL A 26 8.47 -1.12 31.76
C VAL A 26 7.90 -1.93 30.60
N TRP A 27 6.98 -2.84 30.91
CA TRP A 27 6.34 -3.62 29.86
C TRP A 27 5.03 -2.98 29.41
N HIS A 28 4.75 -3.08 28.12
CA HIS A 28 3.54 -2.52 27.51
C HIS A 28 2.81 -3.63 26.74
N HIS A 29 1.48 -3.65 26.78
CA HIS A 29 0.67 -4.65 26.07
C HIS A 29 0.38 -4.16 24.64
N ALA A 30 0.67 -2.88 24.39
CA ALA A 30 0.39 -2.20 23.13
C ALA A 30 1.38 -1.08 22.87
N THR A 31 1.42 -0.62 21.62
CA THR A 31 2.22 0.51 21.23
C THR A 31 1.39 1.41 20.36
N SER A 32 1.66 2.71 20.40
CA SER A 32 0.94 3.70 19.60
C SER A 32 1.93 4.78 19.15
N SER A 33 1.91 5.14 17.85
CA SER A 33 2.82 6.18 17.34
C SER A 33 2.15 7.54 17.33
N ILE A 34 0.87 7.58 17.75
CA ILE A 34 0.05 8.77 17.80
C ILE A 34 -1.00 8.54 18.91
N GLY A 35 -1.00 9.38 19.93
CA GLY A 35 -1.94 9.23 21.03
C GLY A 35 -1.69 8.00 21.90
N GLU A 36 -2.71 7.63 22.70
CA GLU A 36 -2.62 6.51 23.64
C GLU A 36 -3.44 5.32 23.16
N PRO A 37 -3.09 4.06 23.55
CA PRO A 37 -3.94 2.92 23.14
C PRO A 37 -5.34 3.04 23.74
N LYS A 38 -6.37 2.78 22.93
CA LYS A 38 -7.79 2.86 23.34
C LYS A 38 -8.12 1.81 24.42
N TYR A 39 -7.50 0.61 24.28
CA TYR A 39 -7.78 -0.54 25.15
C TYR A 39 -6.70 -0.75 26.20
N LYS A 40 -7.12 -1.03 27.43
CA LYS A 40 -6.17 -1.30 28.52
C LYS A 40 -5.75 -2.75 28.53
N ASP A 41 -4.63 -3.03 29.22
CA ASP A 41 -4.13 -4.39 29.41
C ASP A 41 -5.23 -5.24 30.03
N GLY A 42 -5.53 -6.38 29.42
CA GLY A 42 -6.58 -7.26 29.89
C GLY A 42 -7.93 -7.09 29.22
N PHE A 43 -8.05 -6.19 28.21
CA PHE A 43 -9.32 -6.00 27.50
C PHE A 43 -9.77 -7.33 26.90
N ALA A 44 -11.09 -7.57 26.83
CA ALA A 44 -11.63 -8.86 26.39
C ALA A 44 -11.68 -9.07 24.87
N ARG A 45 -11.89 -7.97 24.13
CA ARG A 45 -12.08 -7.95 22.68
C ARG A 45 -12.14 -6.50 22.18
N PHE A 46 -12.12 -6.35 20.85
CA PHE A 46 -12.34 -5.06 20.22
C PHE A 46 -13.84 -4.77 20.33
N ASP A 47 -14.24 -3.50 20.48
CA ASP A 47 -15.64 -3.15 20.67
C ASP A 47 -16.54 -3.44 19.49
N TYR A 48 -16.03 -3.33 18.27
CA TYR A 48 -16.87 -3.42 17.07
C TYR A 48 -17.25 -4.84 16.68
N VAL A 49 -16.53 -5.86 17.17
CA VAL A 49 -16.79 -7.22 16.69
C VAL A 49 -18.10 -7.76 17.23
N ASN A 50 -18.59 -8.83 16.62
CA ASN A 50 -19.72 -9.58 17.13
C ASN A 50 -19.04 -10.69 17.93
N PRO A 51 -19.02 -10.61 19.29
CA PRO A 51 -18.35 -11.68 20.08
C PRO A 51 -18.97 -13.05 19.87
N ASP A 52 -20.24 -13.08 19.44
CA ASP A 52 -20.90 -14.38 19.22
C ASP A 52 -20.94 -14.80 17.72
N ALA A 53 -20.08 -14.18 16.86
CA ALA A 53 -20.02 -14.53 15.43
C ALA A 53 -19.79 -16.06 15.33
N PRO A 54 -20.65 -16.79 14.58
CA PRO A 54 -20.48 -18.25 14.50
C PRO A 54 -19.32 -18.67 13.59
N LYS A 55 -18.70 -19.82 13.88
CA LYS A 55 -17.64 -20.39 13.06
C LYS A 55 -18.29 -21.33 12.05
N GLY A 56 -18.03 -21.09 10.78
CA GLY A 56 -18.56 -21.94 9.73
C GLY A 56 -18.89 -21.22 8.45
N GLY A 57 -19.26 -22.00 7.43
CA GLY A 57 -19.65 -21.47 6.14
C GLY A 57 -18.47 -21.19 5.23
N GLU A 58 -18.78 -21.02 3.94
CA GLU A 58 -17.77 -20.74 2.92
C GLU A 58 -17.88 -19.29 2.47
N LEU A 59 -16.72 -18.64 2.28
CA LEU A 59 -16.66 -17.31 1.71
C LEU A 59 -15.87 -17.46 0.39
N ARG A 60 -16.44 -16.98 -0.73
CA ARG A 60 -15.82 -17.06 -2.04
C ARG A 60 -15.35 -15.68 -2.47
N LEU A 61 -14.03 -15.51 -2.59
CA LEU A 61 -13.44 -14.21 -2.97
C LEU A 61 -12.74 -14.33 -4.32
N SER A 62 -12.44 -13.17 -4.92
CA SER A 62 -11.72 -13.13 -6.19
C SER A 62 -10.47 -12.27 -5.97
N GLU A 63 -9.46 -12.50 -6.79
CA GLU A 63 -8.21 -11.74 -6.73
C GLU A 63 -7.79 -11.54 -8.18
N SER A 64 -7.35 -10.33 -8.52
CA SER A 64 -6.92 -10.03 -9.87
C SER A 64 -5.57 -10.70 -10.13
N GLY A 65 -5.33 -11.06 -11.38
CA GLY A 65 -4.07 -11.64 -11.79
C GLY A 65 -4.00 -13.11 -11.49
N THR A 66 -2.83 -13.55 -11.00
CA THR A 66 -2.60 -14.98 -10.74
C THR A 66 -1.63 -15.16 -9.56
N PHE A 67 -1.16 -16.37 -9.35
CA PHE A 67 -0.11 -16.60 -8.35
C PHE A 67 0.77 -17.74 -8.84
N ASP A 68 2.03 -17.73 -8.45
CA ASP A 68 2.90 -18.83 -8.85
C ASP A 68 3.83 -19.18 -7.68
N SER A 69 3.56 -18.64 -6.47
CA SER A 69 4.41 -18.88 -5.29
C SER A 69 3.62 -18.74 -3.96
N PHE A 70 3.98 -19.52 -2.93
CA PHE A 70 3.39 -19.40 -1.60
C PHE A 70 4.41 -18.79 -0.64
N ASN A 71 5.63 -18.48 -1.13
CA ASN A 71 6.67 -17.90 -0.27
C ASN A 71 6.21 -16.50 0.17
N PRO A 72 5.89 -16.33 1.46
CA PRO A 72 5.25 -15.07 1.89
C PRO A 72 6.14 -13.85 1.98
N ILE A 73 7.45 -14.03 1.93
CA ILE A 73 8.32 -12.88 2.14
C ILE A 73 9.22 -12.56 0.97
N LEU A 74 9.51 -13.54 0.11
CA LEU A 74 10.40 -13.33 -1.02
C LEU A 74 9.72 -12.46 -2.06
N ALA A 75 10.33 -11.32 -2.40
CA ALA A 75 9.76 -10.42 -3.40
C ALA A 75 10.13 -10.89 -4.81
N LYS A 76 9.72 -12.13 -5.12
CA LYS A 76 9.90 -12.78 -6.43
C LYS A 76 8.59 -13.50 -6.73
N GLY A 77 8.26 -13.59 -8.01
CA GLY A 77 7.04 -14.28 -8.44
C GLY A 77 5.78 -13.53 -8.05
N GLU A 78 4.65 -14.23 -8.03
CA GLU A 78 3.33 -13.67 -7.72
C GLU A 78 2.78 -14.47 -6.54
N VAL A 79 2.49 -13.80 -5.40
CA VAL A 79 1.97 -14.50 -4.21
C VAL A 79 0.53 -14.07 -3.95
N ALA A 80 -0.31 -14.98 -3.47
CA ALA A 80 -1.71 -14.68 -3.12
C ALA A 80 -1.72 -13.92 -1.81
N THR A 81 -2.54 -12.84 -1.70
CA THR A 81 -2.64 -12.01 -0.49
C THR A 81 -3.07 -12.78 0.75
N GLY A 82 -3.87 -13.81 0.53
CA GLY A 82 -4.40 -14.62 1.62
C GLY A 82 -3.34 -15.37 2.41
N VAL A 83 -2.18 -15.66 1.79
CA VAL A 83 -1.14 -16.41 2.51
C VAL A 83 -0.63 -15.60 3.71
N SER A 84 -0.15 -14.37 3.46
CA SER A 84 0.37 -13.58 4.57
C SER A 84 -0.69 -13.17 5.58
N SER A 85 -1.94 -12.90 5.13
CA SER A 85 -3.02 -12.45 6.00
CA SER A 85 -2.98 -12.44 6.05
C SER A 85 -3.67 -13.55 6.85
N LEU A 86 -3.78 -14.77 6.30
CA LEU A 86 -4.51 -15.83 6.99
C LEU A 86 -3.67 -16.93 7.59
N VAL A 87 -2.49 -17.20 7.00
CA VAL A 87 -1.64 -18.34 7.43
C VAL A 87 -0.52 -17.85 8.37
N PHE A 88 0.02 -16.63 8.13
CA PHE A 88 1.11 -16.12 8.95
C PHE A 88 0.64 -15.02 9.88
N GLU A 89 1.41 -14.79 10.95
CA GLU A 89 1.08 -13.76 11.92
C GLU A 89 2.29 -12.90 12.19
N THR A 90 2.05 -11.75 12.77
CA THR A 90 3.08 -10.79 13.14
C THR A 90 3.13 -10.68 14.69
N LEU A 91 4.10 -9.92 15.22
CA LEU A 91 4.24 -9.79 16.68
C LEU A 91 3.11 -8.99 17.30
N LEU A 92 2.59 -8.01 16.54
CA LEU A 92 1.52 -7.12 17.03
C LEU A 92 0.40 -7.06 16.01
N LYS A 93 -0.84 -6.84 16.49
CA LYS A 93 -2.02 -6.72 15.62
C LYS A 93 -2.50 -5.26 15.64
N SER A 94 -2.54 -4.59 14.46
CA SER A 94 -3.01 -3.20 14.36
C SER A 94 -4.54 -3.12 14.56
N ALA A 95 -5.01 -2.22 15.46
CA ALA A 95 -6.45 -2.09 15.72
C ALA A 95 -7.07 -1.23 14.64
N GLU A 96 -8.13 -1.73 13.96
CA GLU A 96 -8.76 -0.96 12.87
C GLU A 96 -9.68 0.15 13.38
N ASP A 97 -9.88 0.24 14.71
CA ASP A 97 -10.66 1.34 15.27
C ASP A 97 -9.75 2.45 15.85
N GLU A 98 -8.45 2.36 15.56
CA GLU A 98 -7.45 3.34 15.97
C GLU A 98 -6.53 3.68 14.80
N ILE A 99 -5.72 4.75 14.95
CA ILE A 99 -4.88 5.22 13.85
C ILE A 99 -3.61 4.34 13.65
N THR A 100 -2.74 4.21 14.67
CA THR A 100 -1.52 3.37 14.52
C THR A 100 -1.35 2.33 15.62
N THR A 101 -2.25 2.33 16.61
CA THR A 101 -2.14 1.42 17.75
C THR A 101 -2.11 -0.04 17.36
N SER A 102 -1.20 -0.79 18.00
CA SER A 102 -1.02 -2.22 17.76
CA SER A 102 -1.12 -2.23 17.78
C SER A 102 -0.98 -2.93 19.11
N TYR A 103 -1.58 -4.10 19.21
CA TYR A 103 -1.66 -4.88 20.45
C TYR A 103 -0.91 -6.19 20.29
N GLY A 104 -0.41 -6.74 21.41
CA GLY A 104 0.30 -8.01 21.37
C GLY A 104 -0.48 -9.14 20.70
N LEU A 105 0.11 -9.73 19.61
CA LEU A 105 -0.47 -10.88 18.91
C LEU A 105 0.44 -12.06 19.27
N LEU A 106 1.52 -12.35 18.49
CA LEU A 106 2.45 -13.43 18.92
C LEU A 106 3.26 -12.95 20.14
N ALA A 107 3.43 -11.62 20.27
CA ALA A 107 4.10 -11.06 21.47
C ALA A 107 3.05 -10.75 22.57
N GLU A 108 3.35 -11.06 23.82
CA GLU A 108 2.52 -10.76 24.98
C GLU A 108 2.72 -9.28 25.35
N GLY A 109 3.94 -8.82 25.15
CA GLY A 109 4.31 -7.46 25.51
C GLY A 109 5.58 -6.97 24.85
N ILE A 110 5.79 -5.67 24.98
CA ILE A 110 6.93 -4.98 24.43
C ILE A 110 7.56 -4.09 25.50
N SER A 111 8.89 -4.01 25.50
CA SER A 111 9.64 -3.18 26.43
C SER A 111 10.71 -2.44 25.64
N TYR A 112 10.93 -1.15 25.96
CA TYR A 112 11.98 -0.37 25.31
C TYR A 112 12.53 0.70 26.24
N PRO A 113 13.82 1.07 26.13
CA PRO A 113 14.31 2.18 26.98
C PRO A 113 13.76 3.51 26.45
N ASP A 114 13.82 4.58 27.27
CA ASP A 114 13.30 5.90 26.90
C ASP A 114 13.94 6.51 25.66
N ASP A 115 15.22 6.21 25.40
CA ASP A 115 15.94 6.70 24.23
C ASP A 115 15.64 5.86 22.94
N ILE A 116 14.79 4.79 23.06
CA ILE A 116 14.42 3.92 21.92
C ILE A 116 15.70 3.36 21.23
N SER A 117 16.73 2.95 22.00
CA SER A 117 17.97 2.40 21.42
C SER A 117 17.82 0.92 21.06
N SER A 118 16.75 0.27 21.57
CA SER A 118 16.43 -1.15 21.34
C SER A 118 14.97 -1.37 21.66
N ALA A 119 14.44 -2.57 21.36
CA ALA A 119 13.08 -2.96 21.72
C ALA A 119 13.07 -4.46 21.95
N THR A 120 12.41 -4.90 23.03
CA THR A 120 12.35 -6.32 23.34
C THR A 120 10.90 -6.77 23.32
N PHE A 121 10.65 -7.92 22.67
CA PHE A 121 9.34 -8.52 22.62
C PHE A 121 9.40 -9.79 23.40
N ARG A 122 8.42 -10.02 24.27
CA ARG A 122 8.24 -11.25 25.03
C ARG A 122 7.14 -12.04 24.28
N LEU A 123 7.48 -13.23 23.74
CA LEU A 123 6.52 -14.08 23.01
C LEU A 123 5.55 -14.75 23.95
N ARG A 124 4.31 -15.03 23.46
CA ARG A 124 3.28 -15.69 24.26
C ARG A 124 3.64 -17.15 24.42
N ALA A 125 3.51 -17.67 25.66
CA ALA A 125 3.83 -19.08 25.94
C ALA A 125 2.94 -20.05 25.17
N GLU A 126 1.70 -19.63 24.83
CA GLU A 126 0.71 -20.44 24.13
C GLU A 126 0.83 -20.44 22.59
N ALA A 127 1.64 -19.52 22.01
CA ALA A 127 1.81 -19.41 20.54
C ALA A 127 2.47 -20.66 19.94
N LYS A 128 1.80 -21.28 18.97
CA LYS A 128 2.25 -22.52 18.36
C LYS A 128 2.08 -22.48 16.84
N TRP A 129 3.01 -23.15 16.16
CA TRP A 129 2.93 -23.40 14.71
C TRP A 129 1.78 -24.42 14.50
N ALA A 130 1.30 -24.55 13.25
CA ALA A 130 0.22 -25.52 12.93
C ALA A 130 0.67 -26.96 13.17
N ASP A 131 1.99 -27.22 13.16
CA ASP A 131 2.54 -28.56 13.42
C ASP A 131 2.67 -28.87 14.93
N GLY A 132 2.29 -27.89 15.77
CA GLY A 132 2.30 -28.01 17.23
C GLY A 132 3.56 -27.55 17.94
N LYS A 133 4.62 -27.20 17.17
CA LYS A 133 5.88 -26.71 17.74
C LYS A 133 5.66 -25.28 18.30
N PRO A 134 6.40 -24.84 19.33
CA PRO A 134 6.21 -23.46 19.83
C PRO A 134 6.80 -22.41 18.90
N VAL A 135 6.23 -21.20 18.91
CA VAL A 135 6.78 -20.07 18.16
C VAL A 135 7.88 -19.54 19.11
N THR A 136 9.13 -19.49 18.63
CA THR A 136 10.29 -19.19 19.46
C THR A 136 11.06 -17.94 19.05
N PRO A 137 11.91 -17.38 19.95
CA PRO A 137 12.77 -16.24 19.55
C PRO A 137 13.62 -16.57 18.31
N GLU A 138 14.07 -17.84 18.18
CA GLU A 138 14.85 -18.29 17.00
C GLU A 138 14.04 -18.09 15.73
N ASP A 139 12.70 -18.31 15.78
CA ASP A 139 11.82 -18.09 14.63
C ASP A 139 11.77 -16.60 14.28
N VAL A 140 11.64 -15.74 15.30
CA VAL A 140 11.60 -14.28 15.08
C VAL A 140 12.91 -13.77 14.48
N VAL A 141 14.05 -14.23 15.02
CA VAL A 141 15.38 -13.84 14.53
C VAL A 141 15.54 -14.26 13.06
N PHE A 142 15.21 -15.54 12.73
CA PHE A 142 15.28 -16.05 11.36
C PHE A 142 14.41 -15.19 10.44
N SER A 143 13.15 -14.93 10.87
CA SER A 143 12.18 -14.16 10.07
C SER A 143 12.68 -12.74 9.78
N PHE A 144 13.24 -12.07 10.80
CA PHE A 144 13.77 -10.72 10.68
C PHE A 144 14.90 -10.67 9.65
N ASP A 145 15.89 -11.56 9.78
CA ASP A 145 17.04 -11.61 8.87
C ASP A 145 16.56 -11.90 7.46
N MET A 146 15.60 -12.83 7.34
CA MET A 146 15.11 -13.24 6.02
C MET A 146 14.28 -12.15 5.34
N VAL A 147 13.45 -11.39 6.09
CA VAL A 147 12.67 -10.32 5.44
C VAL A 147 13.58 -9.24 4.90
N LYS A 148 14.65 -8.94 5.66
CA LYS A 148 15.64 -7.94 5.26
C LYS A 148 16.45 -8.40 4.07
N GLU A 149 16.80 -9.69 4.01
CA GLU A 149 17.56 -10.19 2.89
C GLU A 149 16.71 -10.36 1.62
N HIS A 150 15.45 -10.77 1.76
CA HIS A 150 14.69 -11.19 0.57
C HIS A 150 13.56 -10.28 0.14
N ASN A 151 13.28 -9.23 0.92
CA ASN A 151 12.17 -8.36 0.58
C ASN A 151 12.60 -6.89 0.61
N PRO A 152 12.82 -6.24 -0.57
CA PRO A 152 13.28 -4.83 -0.59
C PRO A 152 12.45 -3.87 0.26
N LEU A 153 11.13 -4.09 0.39
CA LEU A 153 10.28 -3.21 1.21
C LEU A 153 10.73 -3.26 2.68
N PHE A 154 10.89 -4.48 3.22
CA PHE A 154 11.33 -4.63 4.62
C PHE A 154 12.80 -4.32 4.81
N SER A 155 13.64 -4.57 3.78
CA SER A 155 15.07 -4.20 3.83
C SER A 155 15.18 -2.70 4.09
N ASN A 156 14.36 -1.90 3.38
CA ASN A 156 14.31 -0.45 3.60
C ASN A 156 13.65 -0.10 4.93
N TYR A 157 12.46 -0.65 5.17
CA TYR A 157 11.66 -0.35 6.37
C TYR A 157 12.46 -0.53 7.65
N TYR A 158 13.28 -1.61 7.71
CA TYR A 158 14.06 -1.94 8.89
C TYR A 158 15.55 -1.63 8.73
N ARG A 159 15.88 -0.70 7.82
CA ARG A 159 17.31 -0.38 7.59
C ARG A 159 18.03 0.13 8.87
N HIS A 160 17.29 0.78 9.78
CA HIS A 160 17.89 1.29 11.04
C HIS A 160 17.93 0.24 12.15
N VAL A 161 17.42 -0.96 11.87
CA VAL A 161 17.44 -2.06 12.84
C VAL A 161 18.64 -2.94 12.45
N ILE A 162 19.69 -2.90 13.27
CA ILE A 162 20.93 -3.62 12.97
C ILE A 162 20.77 -5.12 13.13
N SER A 163 20.13 -5.54 14.23
CA SER A 163 20.05 -6.95 14.54
C SER A 163 18.84 -7.32 15.35
N ALA A 164 18.54 -8.62 15.37
CA ALA A 164 17.52 -9.29 16.19
C ALA A 164 18.29 -10.39 16.92
N GLU A 165 18.06 -10.57 18.22
CA GLU A 165 18.77 -11.64 18.94
C GLU A 165 17.91 -12.19 20.06
N LYS A 166 18.05 -13.50 20.33
CA LYS A 166 17.36 -14.14 21.43
C LYS A 166 18.04 -13.65 22.71
N THR A 167 17.27 -13.08 23.65
CA THR A 167 17.81 -12.56 24.93
C THR A 167 17.19 -13.21 26.17
N GLY A 168 16.35 -14.20 25.93
CA GLY A 168 15.66 -14.94 26.99
C GLY A 168 14.91 -16.10 26.39
N GLU A 169 14.39 -16.99 27.25
CA GLU A 169 13.59 -18.15 26.82
C GLU A 169 12.54 -17.75 25.79
N ARG A 170 11.81 -16.66 26.07
CA ARG A 170 10.78 -16.16 25.16
C ARG A 170 11.00 -14.73 24.70
N ASP A 171 12.24 -14.19 24.81
CA ASP A 171 12.53 -12.80 24.46
C ASP A 171 13.38 -12.60 23.22
N VAL A 172 12.99 -11.62 22.38
CA VAL A 172 13.76 -11.20 21.21
C VAL A 172 14.04 -9.73 21.41
N THR A 173 15.30 -9.33 21.25
CA THR A 173 15.70 -7.93 21.36
C THR A 173 16.21 -7.47 20.03
N PHE A 174 15.70 -6.32 19.57
CA PHE A 174 16.12 -5.69 18.33
C PHE A 174 16.97 -4.48 18.73
N ARG A 175 18.13 -4.30 18.11
CA ARG A 175 19.03 -3.18 18.40
C ARG A 175 19.05 -2.21 17.24
N PHE A 176 19.06 -0.92 17.57
CA PHE A 176 18.96 0.14 16.56
C PHE A 176 20.26 0.92 16.36
N ASP A 177 20.48 1.47 15.13
CA ASP A 177 21.71 2.17 14.78
C ASP A 177 21.83 3.59 15.36
N GLU A 178 20.71 4.16 15.83
CA GLU A 178 20.64 5.54 16.34
C GLU A 178 19.42 5.62 17.25
N LYS A 179 19.49 6.46 18.30
CA LYS A 179 18.39 6.64 19.26
C LYS A 179 17.26 7.50 18.65
N ASN A 180 16.09 7.48 19.31
CA ASN A 180 14.94 8.35 19.06
C ASN A 180 14.26 8.16 17.70
N ASN A 181 14.29 6.94 17.15
CA ASN A 181 13.52 6.61 15.93
C ASN A 181 12.23 6.04 16.53
N HIS A 182 11.32 6.94 16.94
CA HIS A 182 10.17 6.63 17.77
C HIS A 182 9.24 5.52 17.28
N GLU A 183 9.06 5.34 15.97
CA GLU A 183 8.14 4.30 15.54
C GLU A 183 8.73 2.86 15.48
N LEU A 184 10.04 2.69 15.66
CA LEU A 184 10.65 1.37 15.51
C LEU A 184 9.96 0.26 16.33
N PRO A 185 9.62 0.44 17.63
CA PRO A 185 8.95 -0.67 18.34
C PRO A 185 7.62 -1.04 17.67
N ASN A 186 6.87 -0.03 17.19
CA ASN A 186 5.58 -0.23 16.51
C ASN A 186 5.73 -0.94 15.17
N ILE A 187 6.65 -0.48 14.31
CA ILE A 187 6.77 -1.05 12.95
C ILE A 187 7.36 -2.45 12.98
N LEU A 188 8.11 -2.80 14.04
CA LEU A 188 8.69 -4.15 14.18
C LEU A 188 7.60 -5.20 14.47
N GLY A 189 6.41 -4.73 14.84
CA GLY A 189 5.28 -5.63 15.02
C GLY A 189 4.57 -6.02 13.73
N GLN A 190 5.06 -5.55 12.57
CA GLN A 190 4.36 -5.73 11.28
C GLN A 190 4.92 -6.76 10.31
N PHE A 191 6.03 -7.44 10.62
CA PHE A 191 6.60 -8.42 9.67
C PHE A 191 6.17 -9.82 10.07
N PRO A 192 5.91 -10.70 9.08
CA PRO A 192 5.43 -12.04 9.43
C PRO A 192 6.51 -12.90 10.06
N ILE A 193 6.08 -13.73 10.99
CA ILE A 193 6.93 -14.69 11.67
C ILE A 193 6.75 -16.03 10.97
N LEU A 194 7.89 -16.56 10.52
CA LEU A 194 7.99 -17.82 9.77
C LEU A 194 8.72 -18.91 10.57
N PRO A 195 8.33 -20.21 10.33
CA PRO A 195 8.92 -21.32 11.09
C PRO A 195 10.32 -21.73 10.61
N LYS A 196 11.33 -21.38 11.39
CA LYS A 196 12.74 -21.67 11.08
C LYS A 196 12.96 -23.17 10.84
N HIS A 197 12.44 -24.03 11.75
CA HIS A 197 12.59 -25.51 11.63
C HIS A 197 11.98 -26.05 10.31
N TRP A 198 10.91 -25.42 9.82
CA TRP A 198 10.24 -25.84 8.59
C TRP A 198 11.05 -25.39 7.36
N TRP A 199 11.45 -24.11 7.31
CA TRP A 199 12.24 -23.56 6.18
C TRP A 199 13.66 -24.13 6.10
N GLU A 200 14.18 -24.65 7.22
CA GLU A 200 15.50 -25.28 7.24
C GLU A 200 15.39 -26.81 7.18
N GLY A 201 14.14 -27.29 7.07
CA GLY A 201 13.82 -28.70 6.98
C GLY A 201 13.82 -29.21 5.54
N GLN A 202 13.34 -30.43 5.35
CA GLN A 202 13.27 -31.09 4.06
C GLN A 202 11.82 -31.27 3.62
N ASP A 203 11.55 -31.14 2.31
CA ASP A 203 10.20 -31.42 1.79
C ASP A 203 10.02 -32.96 1.65
N ALA A 204 8.85 -33.41 1.15
CA ALA A 204 8.53 -34.82 0.93
C ALA A 204 9.44 -35.52 -0.11
N LYS A 205 10.02 -34.76 -1.07
CA LYS A 205 10.92 -35.30 -2.09
C LYS A 205 12.36 -35.43 -1.56
N GLY A 206 12.57 -35.04 -0.30
CA GLY A 206 13.86 -35.09 0.38
C GLY A 206 14.77 -33.92 0.04
N SER A 207 14.20 -32.87 -0.58
CA SER A 207 14.94 -31.68 -0.98
C SER A 207 14.84 -30.63 0.14
N LYS A 208 15.98 -30.02 0.50
CA LYS A 208 16.02 -29.00 1.54
C LYS A 208 15.18 -27.79 1.09
N ARG A 209 14.34 -27.28 1.98
CA ARG A 209 13.52 -26.10 1.65
C ARG A 209 14.41 -24.86 1.53
N ASP A 210 13.94 -23.84 0.81
CA ASP A 210 14.77 -22.68 0.56
C ASP A 210 13.94 -21.39 0.50
N ILE A 211 14.02 -20.58 1.56
CA ILE A 211 13.29 -19.29 1.64
C ILE A 211 13.74 -18.27 0.57
N SER A 212 14.92 -18.49 -0.07
CA SER A 212 15.44 -17.58 -1.07
C SER A 212 14.80 -17.83 -2.44
N ARG A 213 13.97 -18.91 -2.57
CA ARG A 213 13.35 -19.29 -3.84
CA ARG A 213 13.35 -19.26 -3.85
C ARG A 213 11.83 -19.33 -3.76
N THR A 214 11.14 -19.18 -4.88
CA THR A 214 9.67 -19.31 -4.88
C THR A 214 9.35 -20.80 -4.60
N THR A 215 8.11 -21.09 -4.14
CA THR A 215 7.66 -22.45 -3.91
C THR A 215 6.18 -22.59 -4.16
N LEU A 216 5.75 -23.76 -4.65
CA LEU A 216 4.34 -24.08 -4.76
C LEU A 216 3.99 -25.19 -3.75
N GLU A 217 4.90 -25.45 -2.79
CA GLU A 217 4.59 -26.37 -1.70
C GLU A 217 3.72 -25.56 -0.72
N PRO A 218 2.55 -26.06 -0.26
CA PRO A 218 1.75 -25.27 0.69
C PRO A 218 2.59 -25.02 1.96
N VAL A 219 2.72 -23.75 2.31
CA VAL A 219 3.55 -23.32 3.44
C VAL A 219 2.79 -23.43 4.78
N MET A 220 3.52 -23.64 5.85
CA MET A 220 2.97 -23.80 7.18
C MET A 220 3.20 -22.53 8.02
N GLY A 221 2.16 -22.06 8.70
CA GLY A 221 2.21 -20.88 9.55
C GLY A 221 1.59 -21.12 10.92
N SER A 222 1.52 -20.07 11.75
CA SER A 222 0.91 -20.13 13.07
C SER A 222 -0.53 -19.55 13.04
N GLY A 223 -0.94 -19.01 11.88
CA GLY A 223 -2.22 -18.33 11.68
C GLY A 223 -3.48 -19.17 11.75
N PRO A 224 -4.64 -18.49 11.73
CA PRO A 224 -5.92 -19.20 11.86
C PRO A 224 -6.28 -20.16 10.74
N TYR A 225 -5.77 -19.90 9.53
CA TYR A 225 -6.10 -20.74 8.38
C TYR A 225 -4.90 -21.52 7.86
N LYS A 226 -5.17 -22.69 7.28
CA LYS A 226 -4.12 -23.45 6.58
C LYS A 226 -4.50 -23.49 5.10
N ILE A 227 -3.51 -23.71 4.22
CA ILE A 227 -3.78 -23.91 2.78
C ILE A 227 -4.25 -25.38 2.71
N ALA A 228 -5.54 -25.60 2.45
CA ALA A 228 -6.17 -26.93 2.40
C ALA A 228 -6.01 -27.61 1.04
N SER A 229 -6.12 -26.83 -0.04
CA SER A 229 -5.96 -27.31 -1.40
C SER A 229 -5.78 -26.11 -2.27
N PHE A 230 -5.35 -26.34 -3.51
CA PHE A 230 -5.12 -25.24 -4.45
C PHE A 230 -4.98 -25.80 -5.86
N GLN A 231 -5.16 -24.93 -6.84
CA GLN A 231 -4.94 -25.21 -8.27
C GLN A 231 -4.01 -24.08 -8.68
N ALA A 232 -2.70 -24.38 -8.81
CA ALA A 232 -1.67 -23.37 -9.06
C ALA A 232 -2.06 -22.39 -10.15
N GLY A 233 -2.00 -21.11 -9.80
CA GLY A 233 -2.35 -20.02 -10.69
C GLY A 233 -3.82 -19.68 -10.78
N GLY A 234 -4.70 -20.60 -10.33
CA GLY A 234 -6.14 -20.44 -10.46
C GLY A 234 -6.95 -20.27 -9.19
N SER A 235 -6.64 -21.04 -8.14
CA SER A 235 -7.43 -20.96 -6.90
C SER A 235 -6.68 -21.48 -5.70
N ILE A 236 -7.13 -21.06 -4.52
CA ILE A 236 -6.61 -21.50 -3.24
C ILE A 236 -7.77 -21.63 -2.29
N ARG A 237 -7.82 -22.76 -1.59
CA ARG A 237 -8.83 -22.98 -0.56
C ARG A 237 -8.14 -22.92 0.80
N PHE A 238 -8.53 -21.92 1.62
CA PHE A 238 -8.00 -21.77 2.98
C PHE A 238 -9.03 -22.36 3.95
N GLU A 239 -8.59 -23.15 4.94
CA GLU A 239 -9.52 -23.78 5.88
C GLU A 239 -9.18 -23.36 7.30
N LEU A 240 -10.21 -22.98 8.09
CA LEU A 240 -10.04 -22.57 9.48
C LEU A 240 -9.57 -23.72 10.34
N ARG A 241 -8.57 -23.47 11.18
CA ARG A 241 -8.02 -24.49 12.08
C ARG A 241 -8.67 -24.40 13.46
N ASP A 242 -9.35 -25.48 13.91
CA ASP A 242 -9.95 -25.48 15.25
C ASP A 242 -8.90 -25.42 16.36
N ASP A 243 -7.65 -25.86 16.04
CA ASP A 243 -6.52 -25.83 16.96
C ASP A 243 -5.66 -24.57 16.81
N TYR A 244 -6.22 -23.50 16.20
CA TYR A 244 -5.45 -22.26 16.10
C TYR A 244 -5.22 -21.77 17.53
N TRP A 245 -3.94 -21.59 17.92
CA TRP A 245 -3.53 -21.21 19.27
C TRP A 245 -4.23 -19.91 19.74
N GLY A 246 -4.40 -18.94 18.84
CA GLY A 246 -4.91 -17.63 19.24
C GLY A 246 -6.41 -17.41 19.10
N LYS A 247 -7.21 -18.50 18.95
CA LYS A 247 -8.65 -18.37 18.70
C LYS A 247 -9.43 -17.54 19.73
N ASP A 248 -9.02 -17.59 21.00
CA ASP A 248 -9.67 -16.90 22.12
C ASP A 248 -8.92 -15.67 22.60
N LEU A 249 -7.80 -15.32 21.95
CA LEU A 249 -7.03 -14.14 22.30
C LEU A 249 -7.90 -12.89 22.01
N ASN A 250 -7.82 -11.87 22.88
CA ASN A 250 -8.64 -10.66 22.78
C ASN A 250 -8.74 -10.08 21.37
N VAL A 251 -7.61 -9.93 20.66
CA VAL A 251 -7.62 -9.35 19.30
C VAL A 251 -8.31 -10.24 18.26
N ASN A 252 -8.57 -11.52 18.61
CA ASN A 252 -9.18 -12.49 17.69
C ASN A 252 -10.62 -12.85 18.02
N VAL A 253 -11.15 -12.39 19.17
CA VAL A 253 -12.55 -12.66 19.56
C VAL A 253 -13.49 -12.07 18.51
N GLY A 254 -14.44 -12.87 18.03
CA GLY A 254 -15.38 -12.46 16.99
C GLY A 254 -14.75 -12.34 15.61
N ARG A 255 -13.50 -12.82 15.45
CA ARG A 255 -12.77 -12.76 14.18
C ARG A 255 -12.32 -14.18 13.73
N TYR A 256 -12.12 -14.33 12.41
CA TYR A 256 -11.76 -15.58 11.73
C TYR A 256 -12.92 -16.57 11.91
N ASN A 257 -14.03 -16.26 11.23
CA ASN A 257 -15.29 -16.96 11.38
C ASN A 257 -15.61 -17.92 10.26
N PHE A 258 -15.40 -17.53 8.99
CA PHE A 258 -15.65 -18.46 7.89
C PHE A 258 -14.81 -19.72 8.02
N ARG A 259 -15.41 -20.89 7.81
CA ARG A 259 -14.67 -22.16 7.91
C ARG A 259 -13.73 -22.30 6.71
N THR A 260 -14.21 -21.88 5.55
CA THR A 260 -13.47 -21.94 4.30
C THR A 260 -13.49 -20.60 3.63
N ILE A 261 -12.32 -20.16 3.17
CA ILE A 261 -12.20 -18.94 2.38
C ILE A 261 -11.53 -19.37 1.06
N ASN A 262 -12.27 -19.34 -0.03
CA ASN A 262 -11.77 -19.71 -1.35
C ASN A 262 -11.38 -18.44 -2.11
N TYR A 263 -10.19 -18.43 -2.73
CA TYR A 263 -9.82 -17.31 -3.61
C TYR A 263 -9.74 -17.88 -5.03
N ALA A 264 -10.39 -17.23 -6.01
CA ALA A 264 -10.33 -17.62 -7.42
C ALA A 264 -9.66 -16.39 -8.08
N PHE A 265 -8.69 -16.66 -8.97
CA PHE A 265 -7.88 -15.63 -9.64
C PHE A 265 -8.39 -15.37 -11.04
N PHE A 266 -8.45 -14.07 -11.42
CA PHE A 266 -8.95 -13.65 -12.72
C PHE A 266 -8.01 -12.69 -13.40
N SER A 267 -7.65 -12.97 -14.66
CA SER A 267 -6.82 -12.00 -15.40
C SER A 267 -7.74 -11.02 -16.18
N ASP A 268 -9.04 -11.36 -16.31
CA ASP A 268 -10.02 -10.53 -17.02
C ASP A 268 -11.02 -10.01 -15.97
N ARG A 269 -11.04 -8.69 -15.75
CA ARG A 269 -11.95 -8.06 -14.78
C ARG A 269 -13.42 -8.30 -15.11
N SER A 270 -13.76 -8.34 -16.41
CA SER A 270 -15.17 -8.57 -16.77
C SER A 270 -15.62 -10.00 -16.38
N VAL A 271 -14.72 -10.98 -16.55
CA VAL A 271 -14.98 -12.38 -16.18
C VAL A 271 -15.12 -12.43 -14.64
N GLN A 272 -14.25 -11.70 -13.93
CA GLN A 272 -14.31 -11.60 -12.46
C GLN A 272 -15.67 -11.05 -12.02
N PHE A 273 -16.14 -9.97 -12.65
CA PHE A 273 -17.44 -9.40 -12.28
C PHE A 273 -18.59 -10.34 -12.66
N GLU A 274 -18.48 -11.05 -13.80
CA GLU A 274 -19.51 -12.01 -14.20
C GLU A 274 -19.62 -13.12 -13.12
N ALA A 275 -18.47 -13.51 -12.52
CA ALA A 275 -18.48 -14.54 -11.45
C ALA A 275 -19.23 -13.99 -10.23
N PHE A 276 -19.04 -12.70 -9.92
CA PHE A 276 -19.80 -12.05 -8.84
C PHE A 276 -21.32 -12.01 -9.19
N ARG A 277 -21.71 -11.58 -10.42
CA ARG A 277 -23.12 -11.53 -10.82
C ARG A 277 -23.76 -12.93 -10.74
N ALA A 278 -22.97 -13.99 -10.95
CA ALA A 278 -23.51 -15.37 -10.87
C ALA A 278 -23.61 -15.88 -9.43
N GLY A 279 -23.09 -15.14 -8.49
CA GLY A 279 -23.06 -15.59 -7.09
C GLY A 279 -21.92 -16.55 -6.80
N ASN A 280 -20.98 -16.72 -7.75
CA ASN A 280 -19.81 -17.59 -7.55
C ASN A 280 -18.67 -16.85 -6.81
N VAL A 281 -18.79 -15.52 -6.67
CA VAL A 281 -17.87 -14.68 -5.90
C VAL A 281 -18.85 -13.87 -5.02
N ASP A 282 -18.57 -13.80 -3.73
CA ASP A 282 -19.51 -13.22 -2.76
C ASP A 282 -19.37 -11.73 -2.54
N PHE A 283 -18.22 -11.18 -2.88
CA PHE A 283 -17.87 -9.79 -2.57
C PHE A 283 -17.09 -9.24 -3.70
N TYR A 284 -17.33 -7.96 -4.01
CA TYR A 284 -16.63 -7.30 -5.11
C TYR A 284 -16.32 -5.86 -4.74
N GLN A 285 -15.05 -5.48 -4.86
CA GLN A 285 -14.66 -4.07 -4.61
C GLN A 285 -14.53 -3.45 -5.99
N ASP A 286 -15.34 -2.42 -6.24
CA ASP A 286 -15.41 -1.78 -7.55
C ASP A 286 -14.58 -0.51 -7.62
N ASN A 287 -13.53 -0.56 -8.44
CA ASN A 287 -12.60 0.57 -8.56
C ASN A 287 -12.89 1.49 -9.74
N SER A 288 -14.03 1.33 -10.41
CA SER A 288 -14.38 2.14 -11.57
C SER A 288 -15.65 2.90 -11.32
N ALA A 289 -15.59 4.25 -11.40
CA ALA A 289 -16.79 5.07 -11.21
C ALA A 289 -17.89 4.72 -12.26
N SER A 290 -17.52 4.53 -13.53
CA SER A 290 -18.55 4.22 -14.54
C SER A 290 -19.15 2.84 -14.35
N HIS A 291 -18.31 1.84 -13.97
CA HIS A 291 -18.81 0.47 -13.75
C HIS A 291 -19.79 0.47 -12.56
N TRP A 292 -19.43 1.20 -11.48
CA TRP A 292 -20.31 1.33 -10.32
C TRP A 292 -21.69 1.88 -10.67
N ALA A 293 -21.74 2.84 -11.62
CA ALA A 293 -23.01 3.45 -12.03
C ALA A 293 -23.82 2.64 -13.02
N THR A 294 -23.17 1.79 -13.82
CA THR A 294 -23.90 1.12 -14.90
C THR A 294 -23.97 -0.41 -14.92
N ALA A 295 -23.08 -1.11 -14.22
CA ALA A 295 -23.00 -2.58 -14.37
C ALA A 295 -23.90 -3.40 -13.46
N TYR A 296 -24.76 -2.76 -12.68
CA TYR A 296 -25.51 -3.48 -11.66
C TYR A 296 -26.99 -3.66 -12.01
N ASP A 297 -27.33 -3.78 -13.32
CA ASP A 297 -28.72 -3.98 -13.74
C ASP A 297 -28.96 -5.49 -13.88
N PHE A 298 -28.98 -6.19 -12.73
CA PHE A 298 -29.21 -7.64 -12.70
C PHE A 298 -30.22 -7.96 -11.60
N PRO A 299 -30.99 -9.06 -11.74
CA PRO A 299 -32.09 -9.34 -10.78
C PRO A 299 -31.77 -9.31 -9.28
N ALA A 300 -30.65 -9.93 -8.84
CA ALA A 300 -30.29 -9.98 -7.40
C ALA A 300 -30.07 -8.58 -6.79
N MET A 301 -29.75 -7.59 -7.63
CA MET A 301 -29.54 -6.21 -7.16
C MET A 301 -30.88 -5.54 -6.81
N LYS A 302 -31.99 -6.05 -7.34
CA LYS A 302 -33.30 -5.46 -7.12
C LYS A 302 -34.13 -6.03 -5.96
N ASP A 303 -33.82 -7.22 -5.45
CA ASP A 303 -34.61 -7.83 -4.39
C ASP A 303 -33.86 -8.08 -3.06
N GLY A 304 -32.82 -7.30 -2.81
CA GLY A 304 -32.06 -7.36 -1.56
C GLY A 304 -31.04 -8.49 -1.47
N ARG A 305 -30.83 -9.25 -2.55
CA ARG A 305 -29.86 -10.37 -2.51
C ARG A 305 -28.42 -9.91 -2.57
N VAL A 306 -28.20 -8.73 -3.18
CA VAL A 306 -26.87 -8.11 -3.27
C VAL A 306 -27.01 -6.75 -2.58
N ILE A 307 -26.03 -6.39 -1.78
CA ILE A 307 -25.98 -5.11 -1.06
C ILE A 307 -24.84 -4.28 -1.63
N ARG A 308 -25.07 -2.97 -1.88
CA ARG A 308 -23.99 -2.06 -2.30
C ARG A 308 -23.75 -1.05 -1.16
N GLU A 309 -22.47 -0.80 -0.81
CA GLU A 309 -22.13 0.21 0.22
C GLU A 309 -20.97 1.06 -0.28
N GLU A 310 -20.96 2.36 0.07
CA GLU A 310 -19.83 3.28 -0.23
C GLU A 310 -19.26 3.57 1.16
N ILE A 311 -18.14 2.91 1.47
CA ILE A 311 -17.55 2.89 2.81
C ILE A 311 -16.36 3.83 2.89
N GLU A 312 -16.47 4.88 3.72
CA GLU A 312 -15.36 5.83 3.84
C GLU A 312 -14.25 5.32 4.77
N ASN A 313 -14.61 4.42 5.72
CA ASN A 313 -13.76 3.97 6.83
C ASN A 313 -12.29 3.69 6.46
N PRO A 314 -12.00 2.81 5.46
CA PRO A 314 -10.57 2.49 5.17
C PRO A 314 -9.74 3.62 4.59
N LEU A 315 -10.40 4.69 4.13
CA LEU A 315 -9.71 5.84 3.59
C LEU A 315 -9.61 7.01 4.56
N ARG A 316 -10.17 6.87 5.77
CA ARG A 316 -10.03 7.91 6.78
C ARG A 316 -8.57 7.81 7.30
N ALA A 317 -7.97 8.93 7.66
CA ALA A 317 -6.57 8.95 8.16
C ALA A 317 -5.57 8.35 7.15
N THR A 318 -5.85 8.51 5.85
CA THR A 318 -4.97 8.00 4.81
C THR A 318 -4.76 9.14 3.80
N GLY A 319 -3.50 9.43 3.50
CA GLY A 319 -3.14 10.38 2.45
C GLY A 319 -2.99 9.60 1.15
N ILE A 320 -3.34 10.20 0.01
CA ILE A 320 -3.22 9.46 -1.27
C ILE A 320 -2.63 10.36 -2.34
N MET A 321 -1.68 9.79 -3.09
CA MET A 321 -1.21 10.39 -4.35
C MET A 321 -1.45 9.32 -5.41
N GLN A 322 -2.35 9.58 -6.37
CA GLN A 322 -2.53 8.71 -7.54
C GLN A 322 -2.05 9.62 -8.69
N ALA A 323 -1.20 9.11 -9.58
CA ALA A 323 -0.61 9.99 -10.58
C ALA A 323 -0.16 9.29 -11.83
N PHE A 324 0.13 10.07 -12.88
CA PHE A 324 0.88 9.54 -14.02
C PHE A 324 2.32 9.77 -13.55
N VAL A 325 3.09 8.67 -13.41
CA VAL A 325 4.44 8.71 -12.86
C VAL A 325 5.49 8.51 -13.96
N PRO A 326 6.15 9.59 -14.40
CA PRO A 326 7.23 9.42 -15.39
C PRO A 326 8.48 8.83 -14.71
N ASN A 327 9.25 8.08 -15.48
CA ASN A 327 10.49 7.46 -15.00
C ASN A 327 11.68 8.39 -15.31
N MET A 328 12.15 9.10 -14.27
CA MET A 328 13.26 10.06 -14.42
C MET A 328 14.62 9.40 -14.62
N ARG A 329 14.68 8.06 -14.61
CA ARG A 329 15.91 7.32 -14.95
C ARG A 329 16.11 7.45 -16.46
N ARG A 330 15.03 7.82 -17.18
CA ARG A 330 15.09 7.95 -18.64
C ARG A 330 15.26 9.40 -19.02
N GLU A 331 16.19 9.66 -19.95
CA GLU A 331 16.53 11.02 -20.36
C GLU A 331 15.34 11.92 -20.71
N LYS A 332 14.31 11.35 -21.37
CA LYS A 332 13.13 12.10 -21.84
C LYS A 332 12.35 12.77 -20.69
N PHE A 333 12.52 12.29 -19.44
CA PHE A 333 11.77 12.87 -18.31
C PHE A 333 12.64 13.57 -17.25
N LYS A 334 13.90 13.83 -17.56
CA LYS A 334 14.80 14.46 -16.59
C LYS A 334 14.57 15.96 -16.39
N ASP A 335 13.99 16.64 -17.39
CA ASP A 335 13.77 18.08 -17.30
C ASP A 335 12.45 18.36 -16.62
N GLN A 336 12.49 19.13 -15.53
CA GLN A 336 11.28 19.51 -14.79
C GLN A 336 10.26 20.20 -15.71
N ARG A 337 10.73 21.01 -16.70
CA ARG A 337 9.82 21.71 -17.62
C ARG A 337 8.99 20.75 -18.46
N VAL A 338 9.59 19.62 -18.86
CA VAL A 338 8.86 18.58 -19.62
C VAL A 338 7.76 17.98 -18.72
N ARG A 339 8.12 17.60 -17.47
CA ARG A 339 7.15 16.98 -16.56
C ARG A 339 6.02 17.94 -16.23
N GLN A 340 6.35 19.23 -16.04
CA GLN A 340 5.34 20.24 -15.78
C GLN A 340 4.40 20.41 -17.01
N ALA A 341 4.99 20.40 -18.22
CA ALA A 341 4.22 20.51 -19.46
C ALA A 341 3.18 19.38 -19.57
N LEU A 342 3.51 18.15 -19.12
CA LEU A 342 2.55 17.04 -19.19
C LEU A 342 1.32 17.28 -18.33
N ASN A 343 1.50 17.99 -17.20
CA ASN A 343 0.36 18.34 -16.35
C ASN A 343 -0.53 19.35 -17.09
N TYR A 344 0.07 20.34 -17.78
CA TYR A 344 -0.72 21.31 -18.57
C TYR A 344 -1.50 20.64 -19.70
N ALA A 345 -1.02 19.49 -20.16
CA ALA A 345 -1.70 18.77 -21.24
C ALA A 345 -2.83 17.87 -20.71
N PHE A 346 -2.86 17.57 -19.40
CA PHE A 346 -3.89 16.68 -18.87
C PHE A 346 -5.18 17.47 -18.52
N ASP A 347 -6.32 17.04 -19.09
CA ASP A 347 -7.58 17.73 -18.78
C ASP A 347 -8.46 16.92 -17.80
N PHE A 348 -8.32 17.22 -16.50
CA PHE A 348 -9.09 16.51 -15.48
C PHE A 348 -10.57 16.82 -15.56
N GLU A 349 -10.92 18.10 -15.79
CA GLU A 349 -12.32 18.54 -15.82
C GLU A 349 -13.12 17.75 -16.85
N ASP A 350 -12.56 17.57 -18.07
CA ASP A 350 -13.22 16.78 -19.11
C ASP A 350 -13.30 15.29 -18.75
N LEU A 351 -12.22 14.72 -18.18
CA LEU A 351 -12.24 13.30 -17.79
C LEU A 351 -13.32 13.06 -16.73
N ASN A 352 -13.33 13.87 -15.66
CA ASN A 352 -14.31 13.73 -14.58
C ASN A 352 -15.75 13.80 -15.10
N ARG A 353 -16.05 14.81 -15.95
CA ARG A 353 -17.40 15.00 -16.51
C ARG A 353 -17.86 13.97 -17.54
N SER A 354 -17.01 13.73 -18.56
CA SER A 354 -17.35 12.88 -19.70
CA SER A 354 -17.38 12.88 -19.69
C SER A 354 -17.21 11.38 -19.48
N LEU A 355 -16.32 10.96 -18.57
CA LEU A 355 -16.12 9.52 -18.37
C LEU A 355 -16.34 8.99 -16.98
N ALA A 356 -16.09 9.80 -15.93
CA ALA A 356 -16.12 9.34 -14.54
C ALA A 356 -17.37 9.67 -13.75
N HIS A 357 -18.46 10.08 -14.44
CA HIS A 357 -19.74 10.40 -13.78
C HIS A 357 -19.55 11.43 -12.65
N ASN A 358 -18.57 12.37 -12.84
CA ASN A 358 -18.22 13.46 -11.89
C ASN A 358 -17.85 12.93 -10.48
N ALA A 359 -17.37 11.68 -10.39
CA ALA A 359 -17.12 11.02 -9.13
C ALA A 359 -15.89 11.44 -8.36
N PHE A 360 -14.91 12.01 -9.05
CA PHE A 360 -13.61 12.21 -8.42
C PHE A 360 -13.24 13.63 -8.05
N GLN A 361 -12.21 13.76 -7.19
CA GLN A 361 -11.65 15.03 -6.75
C GLN A 361 -10.18 15.07 -7.16
N ARG A 362 -9.73 16.20 -7.70
CA ARG A 362 -8.32 16.30 -8.13
C ARG A 362 -7.37 16.26 -6.93
N VAL A 363 -6.26 15.49 -7.07
CA VAL A 363 -5.25 15.38 -6.00
C VAL A 363 -4.24 16.53 -6.17
N ASP A 364 -3.87 17.19 -5.07
CA ASP A 364 -2.89 18.30 -5.14
C ASP A 364 -1.84 18.22 -4.01
N SER A 365 -1.62 17.01 -3.48
CA SER A 365 -0.64 16.82 -2.42
C SER A 365 -0.30 15.33 -2.39
N TYR A 366 0.92 15.01 -1.96
CA TYR A 366 1.32 13.61 -1.74
C TYR A 366 0.66 13.08 -0.46
N PHE A 367 0.09 13.97 0.36
CA PHE A 367 -0.59 13.59 1.61
C PHE A 367 -2.07 14.05 1.58
N TRP A 368 -2.63 14.14 0.36
CA TRP A 368 -3.99 14.60 0.08
C TRP A 368 -5.04 13.87 0.93
N GLY A 369 -5.91 14.62 1.59
CA GLY A 369 -6.97 14.08 2.46
C GLY A 369 -6.60 14.04 3.94
N THR A 370 -5.41 14.57 4.28
CA THR A 370 -4.93 14.57 5.67
C THR A 370 -4.37 15.91 6.04
N GLU A 371 -4.10 16.11 7.36
CA GLU A 371 -3.53 17.35 7.89
C GLU A 371 -2.05 17.50 7.49
N LEU A 372 -1.45 16.44 6.91
CA LEU A 372 -0.05 16.43 6.52
C LEU A 372 0.21 17.09 5.17
N ALA A 373 -0.87 17.38 4.45
CA ALA A 373 -0.80 18.06 3.16
C ALA A 373 -0.32 19.48 3.34
N SER A 374 0.64 19.91 2.49
CA SER A 374 1.10 21.30 2.45
C SER A 374 -0.03 22.11 1.79
N SER A 375 -0.14 23.39 2.14
CA SER A 375 -1.15 24.29 1.58
C SER A 375 -0.62 25.71 1.65
N GLY A 376 -1.15 26.57 0.78
CA GLY A 376 -0.76 27.98 0.68
C GLY A 376 0.75 28.17 0.61
N LEU A 377 1.25 29.14 1.39
CA LEU A 377 2.67 29.47 1.54
C LEU A 377 3.19 28.89 2.87
N PRO A 378 4.49 28.52 2.97
CA PRO A 378 4.99 27.95 4.24
C PRO A 378 5.00 29.03 5.33
N GLU A 379 4.61 28.63 6.55
CA GLU A 379 4.56 29.51 7.71
C GLU A 379 5.11 28.76 8.93
N GLY A 380 5.36 29.48 10.01
CA GLY A 380 5.88 28.93 11.26
C GLY A 380 7.07 28.00 11.10
N ARG A 381 7.04 26.87 11.82
CA ARG A 381 8.10 25.86 11.83
C ARG A 381 8.40 25.29 10.44
N GLU A 382 7.34 25.04 9.63
CA GLU A 382 7.51 24.53 8.25
C GLU A 382 8.42 25.46 7.45
N LYS A 383 8.18 26.79 7.53
CA LYS A 383 8.99 27.77 6.82
C LYS A 383 10.42 27.76 7.36
N GLU A 384 10.59 27.64 8.68
CA GLU A 384 11.91 27.59 9.34
C GLU A 384 12.72 26.37 8.88
N ILE A 385 12.08 25.19 8.78
CA ILE A 385 12.74 23.96 8.32
C ILE A 385 13.22 24.16 6.86
N LEU A 386 12.35 24.71 6.01
CA LEU A 386 12.72 24.96 4.60
C LEU A 386 13.81 26.04 4.49
N GLU A 387 13.81 27.05 5.39
CA GLU A 387 14.81 28.11 5.40
C GLU A 387 16.21 27.56 5.63
N GLU A 388 16.35 26.52 6.49
CA GLU A 388 17.66 25.90 6.70
C GLU A 388 18.10 25.08 5.48
N LEU A 389 17.20 24.90 4.48
CA LEU A 389 17.51 24.20 3.24
C LEU A 389 17.30 25.09 2.00
N LYS A 390 17.22 26.43 2.16
CA LYS A 390 16.91 27.36 1.06
C LYS A 390 17.80 27.19 -0.22
N ASP A 391 19.12 26.95 -0.06
CA ASP A 391 20.03 26.79 -1.23
C ASP A 391 19.88 25.43 -1.95
N LYS A 392 19.05 24.54 -1.41
CA LYS A 392 18.89 23.17 -1.88
C LYS A 392 17.46 22.79 -2.34
N VAL A 393 16.49 23.73 -2.23
CA VAL A 393 15.09 23.49 -2.61
C VAL A 393 14.62 24.42 -3.76
N PRO A 394 13.55 24.06 -4.53
CA PRO A 394 13.08 24.97 -5.59
C PRO A 394 12.62 26.30 -5.00
N ALA A 395 12.98 27.42 -5.65
CA ALA A 395 12.62 28.78 -5.22
C ALA A 395 11.09 28.89 -5.03
N ALA A 396 10.29 28.15 -5.84
CA ALA A 396 8.84 28.12 -5.75
C ALA A 396 8.30 27.75 -4.36
N VAL A 397 9.03 26.98 -3.54
CA VAL A 397 8.54 26.60 -2.21
C VAL A 397 8.23 27.82 -1.34
N PHE A 398 8.96 28.93 -1.51
CA PHE A 398 8.74 30.14 -0.73
C PHE A 398 7.80 31.14 -1.41
N THR A 399 7.55 31.00 -2.73
CA THR A 399 6.75 32.00 -3.46
C THR A 399 5.43 31.54 -4.06
N THR A 400 5.34 30.25 -4.39
CA THR A 400 4.25 29.73 -5.20
C THR A 400 3.54 28.55 -4.57
N PRO A 401 2.28 28.75 -4.11
CA PRO A 401 1.52 27.60 -3.60
C PRO A 401 1.34 26.60 -4.75
N TYR A 402 1.37 25.30 -4.44
CA TYR A 402 1.19 24.33 -5.51
C TYR A 402 -0.23 24.34 -6.02
N LYS A 403 -0.40 24.45 -7.34
CA LYS A 403 -1.71 24.33 -7.96
C LYS A 403 -1.64 23.49 -9.25
N ASN A 404 -2.71 22.77 -9.55
CA ASN A 404 -2.82 22.03 -10.82
C ASN A 404 -3.50 22.93 -11.86
N PRO A 405 -3.23 22.71 -13.16
CA PRO A 405 -4.04 23.42 -14.20
C PRO A 405 -5.52 23.05 -14.16
N VAL A 406 -6.38 24.00 -14.56
CA VAL A 406 -7.83 23.81 -14.60
C VAL A 406 -8.26 24.17 -16.02
N ASN A 407 -9.16 23.35 -16.59
CA ASN A 407 -9.69 23.51 -17.93
C ASN A 407 -11.20 23.72 -17.88
N GLY A 408 -11.60 24.87 -17.37
CA GLY A 408 -13.03 25.18 -17.28
C GLY A 408 -13.82 25.27 -18.59
N ASP A 409 -13.15 25.51 -19.76
CA ASP A 409 -13.80 25.66 -21.08
C ASP A 409 -12.83 25.39 -22.30
N PRO A 410 -13.32 25.34 -23.57
CA PRO A 410 -12.43 25.00 -24.71
C PRO A 410 -11.29 25.99 -25.00
N GLN A 411 -11.49 27.29 -24.73
CA GLN A 411 -10.39 28.24 -24.96
C GLN A 411 -9.29 27.99 -23.95
N LYS A 412 -9.67 27.64 -22.70
CA LYS A 412 -8.74 27.35 -21.62
C LYS A 412 -7.93 26.08 -21.96
N VAL A 413 -8.59 25.06 -22.57
CA VAL A 413 -7.87 23.83 -22.98
C VAL A 413 -6.74 24.21 -23.95
N ARG A 414 -7.06 25.00 -24.99
CA ARG A 414 -6.05 25.42 -25.94
C ARG A 414 -4.96 26.29 -25.28
N ASP A 415 -5.33 27.17 -24.32
CA ASP A 415 -4.34 28.00 -23.63
C ASP A 415 -3.40 27.15 -22.75
N ASN A 416 -3.93 26.13 -22.07
CA ASN A 416 -3.10 25.26 -21.24
C ASN A 416 -2.17 24.42 -22.13
N LEU A 417 -2.65 24.02 -23.32
CA LEU A 417 -1.76 23.31 -24.28
C LEU A 417 -0.67 24.23 -24.83
N ARG A 418 -0.99 25.56 -24.99
CA ARG A 418 0.00 26.56 -25.40
C ARG A 418 1.08 26.66 -24.33
N LYS A 419 0.69 26.66 -23.03
CA LYS A 419 1.63 26.71 -21.90
C LYS A 419 2.52 25.45 -21.90
N ALA A 420 1.93 24.28 -22.22
CA ALA A 420 2.71 23.02 -22.31
C ALA A 420 3.77 23.17 -23.41
N LEU A 421 3.35 23.65 -24.59
CA LEU A 421 4.28 23.82 -25.69
C LEU A 421 5.40 24.82 -25.36
N ALA A 422 5.07 25.87 -24.58
CA ALA A 422 6.06 26.90 -24.20
C ALA A 422 7.13 26.28 -23.31
N LEU A 423 6.73 25.43 -22.37
CA LEU A 423 7.62 24.74 -21.46
C LEU A 423 8.49 23.76 -22.25
N PHE A 424 7.89 23.02 -23.20
CA PHE A 424 8.66 22.15 -24.08
C PHE A 424 9.70 22.94 -24.89
N LYS A 425 9.33 24.12 -25.41
CA LYS A 425 10.28 24.94 -26.17
C LYS A 425 11.47 25.36 -25.31
N GLU A 426 11.21 25.74 -24.04
CA GLU A 426 12.28 26.12 -23.10
C GLU A 426 13.22 24.92 -22.88
N ALA A 427 12.67 23.70 -22.86
CA ALA A 427 13.36 22.42 -22.67
C ALA A 427 14.08 21.95 -23.95
N GLY A 428 13.86 22.65 -25.06
CA GLY A 428 14.51 22.33 -26.33
C GLY A 428 13.72 21.44 -27.27
N TYR A 429 12.38 21.47 -27.16
CA TYR A 429 11.51 20.67 -28.04
C TYR A 429 10.58 21.60 -28.79
N GLU A 430 10.49 21.42 -30.10
CA GLU A 430 9.69 22.32 -30.93
C GLU A 430 8.77 21.55 -31.86
N LEU A 431 7.64 22.18 -32.27
CA LEU A 431 6.70 21.56 -33.21
C LEU A 431 7.31 21.72 -34.60
N LYS A 432 7.53 20.61 -35.30
CA LYS A 432 8.07 20.62 -36.67
C LYS A 432 7.16 19.69 -37.43
N GLY A 433 6.38 20.25 -38.36
CA GLY A 433 5.38 19.49 -39.12
C GLY A 433 4.32 18.90 -38.19
N SER A 434 3.96 19.66 -37.15
CA SER A 434 2.97 19.29 -36.12
C SER A 434 3.39 18.05 -35.26
N ARG A 435 4.70 17.72 -35.24
CA ARG A 435 5.24 16.62 -34.41
C ARG A 435 6.20 17.28 -33.46
N LEU A 436 6.15 16.93 -32.18
CA LEU A 436 7.05 17.56 -31.21
C LEU A 436 8.39 16.86 -31.29
N VAL A 437 9.42 17.62 -31.64
CA VAL A 437 10.73 17.02 -31.85
C VAL A 437 11.82 17.73 -31.07
N ASN A 438 12.91 17.00 -30.80
CA ASN A 438 14.10 17.56 -30.17
C ASN A 438 14.64 18.52 -31.21
N ALA A 439 14.76 19.81 -30.84
CA ALA A 439 15.16 20.88 -31.76
C ALA A 439 16.57 20.71 -32.35
N LYS A 440 17.46 20.01 -31.65
CA LYS A 440 18.83 19.81 -32.12
C LYS A 440 19.03 18.51 -32.93
N THR A 441 18.33 17.42 -32.58
CA THR A 441 18.47 16.11 -33.23
C THR A 441 17.35 15.71 -34.20
N GLY A 442 16.17 16.32 -34.07
CA GLY A 442 15.02 15.94 -34.88
C GLY A 442 14.26 14.74 -34.33
N GLU A 443 14.79 14.07 -33.27
CA GLU A 443 14.11 12.90 -32.71
C GLU A 443 12.74 13.26 -32.07
N PRO A 444 11.66 12.60 -32.54
CA PRO A 444 10.32 12.87 -31.99
C PRO A 444 10.21 12.57 -30.49
N PHE A 445 9.41 13.39 -29.79
CA PHE A 445 9.14 13.17 -28.37
C PHE A 445 8.03 12.11 -28.30
N SER A 446 8.36 10.97 -27.70
CA SER A 446 7.43 9.88 -27.64
C SER A 446 7.64 9.12 -26.33
N PHE A 447 6.59 8.45 -25.87
CA PHE A 447 6.67 7.63 -24.67
C PHE A 447 5.58 6.58 -24.62
N GLU A 448 5.81 5.54 -23.83
CA GLU A 448 4.89 4.45 -23.63
C GLU A 448 4.30 4.55 -22.21
N ILE A 449 2.97 4.43 -22.08
CA ILE A 449 2.33 4.38 -20.75
C ILE A 449 2.03 2.88 -20.47
N LEU A 450 2.75 2.28 -19.52
CA LEU A 450 2.59 0.85 -19.22
C LEU A 450 1.40 0.67 -18.28
N LEU A 451 0.40 -0.15 -18.68
CA LEU A 451 -0.78 -0.41 -17.85
C LEU A 451 -0.87 -1.92 -17.53
N SER A 452 -1.43 -2.25 -16.36
CA SER A 452 -1.47 -3.65 -15.91
C SER A 452 -2.70 -4.41 -16.32
N ASN A 453 -3.67 -3.75 -16.89
CA ASN A 453 -4.92 -4.42 -17.25
C ASN A 453 -5.65 -3.52 -18.23
N PRO A 454 -6.43 -4.09 -19.18
CA PRO A 454 -7.20 -3.23 -20.09
C PRO A 454 -8.20 -2.30 -19.41
N THR A 455 -8.60 -2.58 -18.13
CA THR A 455 -9.55 -1.71 -17.43
C THR A 455 -9.06 -0.28 -17.24
N PHE A 456 -7.75 -0.04 -17.28
CA PHE A 456 -7.17 1.30 -17.14
C PHE A 456 -7.22 2.11 -18.45
N GLU A 457 -7.39 1.41 -19.61
CA GLU A 457 -7.31 2.07 -20.93
C GLU A 457 -8.28 3.22 -21.13
N ARG A 458 -9.55 3.07 -20.73
CA ARG A 458 -10.56 4.13 -20.91
C ARG A 458 -10.18 5.44 -20.15
N THR A 459 -9.51 5.33 -19.00
CA THR A 459 -9.11 6.52 -18.21
C THR A 459 -7.88 7.21 -18.83
N VAL A 460 -6.97 6.41 -19.43
CA VAL A 460 -5.70 6.90 -19.93
C VAL A 460 -5.78 7.45 -21.39
N THR A 461 -6.65 6.85 -22.23
CA THR A 461 -6.84 7.27 -23.63
C THR A 461 -7.07 8.82 -23.77
N PRO A 462 -7.88 9.52 -22.93
CA PRO A 462 -8.02 10.98 -23.11
C PRO A 462 -6.69 11.74 -22.97
N PHE A 463 -5.79 11.29 -22.05
CA PHE A 463 -4.47 11.91 -21.88
C PHE A 463 -3.62 11.70 -23.14
N VAL A 464 -3.63 10.47 -23.67
CA VAL A 464 -2.96 10.15 -24.93
C VAL A 464 -3.47 11.08 -26.05
N ASN A 465 -4.80 11.20 -26.19
CA ASN A 465 -5.38 12.07 -27.20
C ASN A 465 -5.00 13.53 -26.98
N SER A 466 -4.94 13.99 -25.72
CA SER A 466 -4.57 15.40 -25.46
C SER A 466 -3.11 15.68 -25.86
N VAL A 467 -2.15 14.79 -25.47
CA VAL A 467 -0.75 15.06 -25.82
C VAL A 467 -0.52 14.91 -27.32
N ARG A 468 -1.38 14.10 -28.02
CA ARG A 468 -1.27 13.96 -29.47
C ARG A 468 -1.59 15.29 -30.16
N LYS A 469 -2.44 16.13 -29.55
CA LYS A 469 -2.77 17.47 -30.11
C LYS A 469 -1.55 18.41 -30.18
N ILE A 470 -0.57 18.23 -29.28
CA ILE A 470 0.66 19.03 -29.28
C ILE A 470 1.89 18.22 -29.80
N GLY A 471 1.61 17.25 -30.67
CA GLY A 471 2.61 16.51 -31.43
C GLY A 471 3.38 15.40 -30.74
N ILE A 472 2.86 14.93 -29.61
CA ILE A 472 3.53 13.86 -28.85
C ILE A 472 2.95 12.51 -29.21
N ASP A 473 3.83 11.54 -29.49
CA ASP A 473 3.44 10.18 -29.81
C ASP A 473 3.47 9.39 -28.51
N ALA A 474 2.37 9.44 -27.75
CA ALA A 474 2.23 8.65 -26.54
C ALA A 474 1.43 7.40 -26.94
N ARG A 475 1.82 6.24 -26.41
CA ARG A 475 1.11 5.01 -26.74
C ARG A 475 0.91 4.22 -25.45
N ILE A 476 -0.27 3.65 -25.30
CA ILE A 476 -0.55 2.74 -24.19
C ILE A 476 0.03 1.36 -24.56
N ARG A 477 0.63 0.70 -23.55
CA ARG A 477 1.07 -0.70 -23.64
C ARG A 477 0.44 -1.38 -22.45
N THR A 478 -0.55 -2.23 -22.71
CA THR A 478 -1.26 -2.97 -21.67
C THR A 478 -0.67 -4.37 -21.62
N VAL A 479 -0.33 -4.82 -20.41
CA VAL A 479 0.26 -6.15 -20.20
C VAL A 479 -0.55 -6.85 -19.11
N ASP A 480 -0.20 -8.07 -18.77
CA ASP A 480 -0.93 -8.69 -17.68
C ASP A 480 -0.23 -8.39 -16.36
N ASP A 481 -0.88 -8.74 -15.23
CA ASP A 481 -0.36 -8.42 -13.92
C ASP A 481 1.03 -9.04 -13.65
N SER A 482 1.27 -10.29 -14.13
CA SER A 482 2.57 -10.93 -13.89
CA SER A 482 2.55 -10.96 -13.93
C SER A 482 3.69 -10.19 -14.60
N GLN A 483 3.46 -9.79 -15.87
CA GLN A 483 4.46 -9.06 -16.63
C GLN A 483 4.66 -7.67 -15.99
N TYR A 484 3.53 -7.05 -15.58
CA TYR A 484 3.57 -5.72 -14.96
C TYR A 484 4.43 -5.71 -13.72
N THR A 485 4.21 -6.66 -12.79
CA THR A 485 5.01 -6.72 -11.56
C THR A 485 6.47 -6.88 -11.90
N ASN A 486 6.79 -7.73 -12.91
CA ASN A 486 8.18 -7.99 -13.28
C ASN A 486 8.84 -6.75 -13.88
N ARG A 487 8.10 -6.00 -14.70
CA ARG A 487 8.65 -4.78 -15.31
C ARG A 487 8.80 -3.67 -14.27
N VAL A 488 7.80 -3.53 -13.35
CA VAL A 488 7.89 -2.44 -12.35
C VAL A 488 9.07 -2.68 -11.38
N ARG A 489 9.33 -3.97 -11.04
CA ARG A 489 10.45 -4.32 -10.16
C ARG A 489 11.80 -3.83 -10.70
N SER A 490 11.99 -3.87 -12.03
CA SER A 490 13.22 -3.43 -12.69
C SER A 490 13.13 -2.00 -13.27
N TYR A 491 12.01 -1.29 -13.03
CA TYR A 491 11.77 0.08 -13.57
C TYR A 491 11.79 0.11 -15.09
N ASP A 492 11.30 -0.97 -15.70
CA ASP A 492 11.28 -1.05 -17.17
C ASP A 492 9.99 -0.42 -17.72
N TYR A 493 9.94 0.90 -17.70
CA TYR A 493 8.77 1.65 -18.19
C TYR A 493 9.14 3.09 -18.39
N ASP A 494 8.42 3.78 -19.29
CA ASP A 494 8.57 5.23 -19.42
C ASP A 494 7.67 5.90 -18.38
N MET A 495 6.45 5.39 -18.23
CA MET A 495 5.46 6.01 -17.33
C MET A 495 4.46 4.95 -16.86
N ILE A 496 4.00 5.07 -15.60
CA ILE A 496 2.97 4.17 -15.06
C ILE A 496 1.82 4.99 -14.45
N TYR A 497 0.70 4.32 -14.22
CA TYR A 497 -0.46 4.92 -13.55
C TYR A 497 -0.27 4.41 -12.12
N GLY A 498 0.35 5.23 -11.27
CA GLY A 498 0.79 4.80 -9.94
C GLY A 498 0.03 5.36 -8.77
N ILE A 499 0.27 4.78 -7.60
CA ILE A 499 -0.35 5.21 -6.35
C ILE A 499 0.58 5.01 -5.17
N TRP A 500 0.58 5.97 -4.25
CA TRP A 500 1.27 5.84 -2.96
C TRP A 500 0.26 6.26 -1.90
N ALA A 501 0.03 5.36 -0.90
CA ALA A 501 -0.87 5.67 0.20
C ALA A 501 0.00 6.02 1.42
N GLN A 502 -0.48 6.92 2.26
CA GLN A 502 0.28 7.39 3.43
C GLN A 502 -0.51 7.27 4.69
N THR A 503 0.16 7.04 5.83
CA THR A 503 -0.54 7.04 7.13
C THR A 503 -0.40 8.44 7.73
N LEU A 504 -0.97 8.64 8.92
CA LEU A 504 -0.85 9.92 9.62
C LEU A 504 0.51 10.01 10.36
N VAL A 505 1.29 8.94 10.30
CA VAL A 505 2.61 8.89 10.95
C VAL A 505 3.67 8.50 9.92
N PRO A 506 4.13 9.46 9.07
CA PRO A 506 5.19 9.15 8.11
C PRO A 506 6.46 8.74 8.86
N GLY A 507 7.18 7.80 8.29
CA GLY A 507 8.39 7.30 8.95
C GLY A 507 9.41 6.62 8.08
N ASN A 508 9.88 5.46 8.56
CA ASN A 508 10.93 4.68 7.93
C ASN A 508 10.61 4.28 6.47
N GLU A 509 9.34 4.21 6.10
CA GLU A 509 8.97 3.84 4.71
C GLU A 509 9.23 4.95 3.69
N GLN A 510 9.34 6.21 4.13
CA GLN A 510 9.49 7.33 3.17
C GLN A 510 10.66 7.22 2.21
N SER A 511 11.78 6.64 2.65
CA SER A 511 12.97 6.49 1.78
C SER A 511 12.69 5.49 0.64
N ASP A 512 11.65 4.63 0.78
CA ASP A 512 11.25 3.66 -0.26
C ASP A 512 10.44 4.35 -1.36
N TYR A 513 9.96 5.56 -1.07
CA TYR A 513 9.14 6.28 -2.02
C TYR A 513 9.92 7.35 -2.75
N TRP A 514 10.75 8.13 -2.01
CA TRP A 514 11.46 9.25 -2.64
C TRP A 514 12.93 9.35 -2.25
N GLY A 515 13.48 8.33 -1.59
CA GLY A 515 14.88 8.35 -1.15
C GLY A 515 15.84 8.05 -2.29
N SER A 516 17.00 8.76 -2.34
CA SER A 516 18.01 8.59 -3.40
CA SER A 516 18.01 8.59 -3.40
C SER A 516 18.56 7.17 -3.49
N ALA A 517 18.71 6.49 -2.34
CA ALA A 517 19.28 5.13 -2.31
C ALA A 517 18.41 4.08 -2.98
N SER A 518 17.10 4.35 -3.12
CA SER A 518 16.18 3.40 -3.73
CA SER A 518 16.12 3.45 -3.72
C SER A 518 16.11 3.48 -5.25
N VAL A 519 16.68 4.55 -5.86
CA VAL A 519 16.61 4.74 -7.32
C VAL A 519 17.15 3.53 -8.12
N ASN A 520 18.36 3.08 -7.76
CA ASN A 520 19.06 2.03 -8.49
C ASN A 520 19.07 0.70 -7.75
N GLN A 521 18.04 0.47 -6.94
CA GLN A 521 17.82 -0.76 -6.20
C GLN A 521 16.50 -1.35 -6.70
N PRO A 522 16.52 -2.53 -7.34
CA PRO A 522 15.25 -3.11 -7.81
C PRO A 522 14.24 -3.33 -6.72
N GLY A 523 12.96 -3.24 -7.08
CA GLY A 523 11.88 -3.57 -6.17
C GLY A 523 11.49 -2.54 -5.12
N SER A 524 11.96 -1.28 -5.28
CA SER A 524 11.56 -0.18 -4.40
C SER A 524 10.24 0.44 -4.93
N ARG A 525 9.68 1.38 -4.16
CA ARG A 525 8.47 2.09 -4.54
C ARG A 525 8.84 3.50 -5.01
N ASN A 526 10.13 3.70 -5.38
CA ASN A 526 10.57 5.00 -5.90
C ASN A 526 10.36 4.96 -7.42
N TYR A 527 9.07 4.89 -7.83
CA TYR A 527 8.75 4.70 -9.25
C TYR A 527 9.26 5.79 -10.14
N ALA A 528 9.31 7.04 -9.64
CA ALA A 528 9.78 8.16 -10.49
C ALA A 528 11.32 8.25 -10.60
N GLY A 529 12.03 7.64 -9.65
CA GLY A 529 13.48 7.72 -9.61
C GLY A 529 13.96 9.05 -9.02
N ILE A 530 13.29 9.52 -7.92
CA ILE A 530 13.67 10.79 -7.25
C ILE A 530 14.99 10.60 -6.49
N ALA A 531 15.94 11.52 -6.64
CA ALA A 531 17.20 11.49 -5.88
C ALA A 531 17.54 12.95 -5.63
N ASP A 532 17.36 13.39 -4.39
CA ASP A 532 17.56 14.80 -4.07
C ASP A 532 18.09 14.98 -2.63
N PRO A 533 19.22 15.70 -2.45
CA PRO A 533 19.76 15.89 -1.09
C PRO A 533 18.79 16.48 -0.07
N ALA A 534 18.01 17.53 -0.47
CA ALA A 534 17.05 18.16 0.45
C ALA A 534 15.96 17.18 0.87
N ILE A 535 15.39 16.44 -0.12
CA ILE A 535 14.39 15.41 0.18
C ILE A 535 14.97 14.36 1.14
N ASP A 536 16.21 13.92 0.90
CA ASP A 536 16.84 12.94 1.78
C ASP A 536 16.93 13.49 3.20
N GLU A 537 17.33 14.76 3.34
CA GLU A 537 17.44 15.42 4.63
C GLU A 537 16.08 15.50 5.34
N LEU A 538 15.01 15.88 4.59
CA LEU A 538 13.65 15.91 5.16
C LEU A 538 13.16 14.51 5.60
N ILE A 539 13.46 13.48 4.80
CA ILE A 539 13.12 12.08 5.17
C ILE A 539 13.82 11.71 6.52
N ARG A 540 15.12 12.03 6.65
CA ARG A 540 15.85 11.77 7.90
C ARG A 540 15.20 12.51 9.08
N ARG A 541 14.76 13.76 8.86
CA ARG A 541 14.15 14.57 9.91
C ARG A 541 12.77 14.00 10.33
N ILE A 542 12.05 13.37 9.38
CA ILE A 542 10.76 12.72 9.66
C ILE A 542 11.02 11.49 10.53
N VAL A 543 11.97 10.63 10.13
CA VAL A 543 12.31 9.40 10.85
C VAL A 543 12.68 9.69 12.32
N PHE A 544 13.52 10.72 12.51
CA PHE A 544 14.00 11.08 13.85
C PHE A 544 13.27 12.27 14.46
N ALA A 545 12.01 12.53 14.01
CA ALA A 545 11.22 13.65 14.56
C ALA A 545 11.02 13.49 16.07
N PRO A 546 11.43 14.52 16.87
CA PRO A 546 11.36 14.38 18.34
C PRO A 546 9.95 14.43 18.92
N ASN A 547 9.00 15.05 18.20
CA ASN A 547 7.61 15.17 18.64
C ASN A 547 6.67 15.31 17.43
N ARG A 548 5.35 15.28 17.68
CA ARG A 548 4.31 15.35 16.63
C ARG A 548 4.35 16.69 15.86
N GLU A 549 4.52 17.85 16.56
CA GLU A 549 4.60 19.17 15.91
C GLU A 549 5.74 19.22 14.87
N GLU A 550 6.92 18.67 15.24
CA GLU A 550 8.07 18.64 14.35
C GLU A 550 7.82 17.67 13.18
N LEU A 551 7.16 16.53 13.45
CA LEU A 551 6.84 15.55 12.40
C LEU A 551 5.87 16.18 11.38
N VAL A 552 4.80 16.84 11.86
CA VAL A 552 3.80 17.45 10.96
C VAL A 552 4.42 18.54 10.07
N ALA A 553 5.19 19.48 10.68
CA ALA A 553 5.85 20.56 9.96
C ALA A 553 6.85 19.99 8.93
N THR A 554 7.62 18.95 9.30
CA THR A 554 8.63 18.39 8.40
C THR A 554 7.94 17.68 7.24
N THR A 555 6.82 16.99 7.53
CA THR A 555 6.08 16.28 6.48
C THR A 555 5.49 17.29 5.48
N ARG A 556 4.89 18.39 5.98
CA ARG A 556 4.35 19.41 5.06
C ARG A 556 5.50 20.01 4.24
N ALA A 557 6.70 20.23 4.86
CA ALA A 557 7.86 20.76 4.15
C ALA A 557 8.26 19.74 3.01
N LEU A 558 8.29 18.43 3.30
CA LEU A 558 8.64 17.41 2.29
C LEU A 558 7.61 17.43 1.15
N ASP A 559 6.31 17.49 1.52
CA ASP A 559 5.26 17.54 0.50
C ASP A 559 5.44 18.77 -0.42
N ARG A 560 5.74 19.91 0.18
CA ARG A 560 5.91 21.16 -0.57
C ARG A 560 7.07 21.06 -1.58
N VAL A 561 8.19 20.46 -1.14
CA VAL A 561 9.37 20.27 -1.98
C VAL A 561 9.08 19.25 -3.08
N LEU A 562 8.43 18.12 -2.73
CA LEU A 562 8.11 17.12 -3.77
C LEU A 562 7.23 17.77 -4.85
N LEU A 563 6.18 18.52 -4.44
CA LEU A 563 5.26 19.15 -5.37
C LEU A 563 5.95 20.19 -6.27
N ALA A 564 6.89 20.98 -5.69
CA ALA A 564 7.61 22.04 -6.42
C ALA A 564 8.56 21.52 -7.49
N HIS A 565 8.90 20.23 -7.41
CA HIS A 565 9.76 19.57 -8.39
C HIS A 565 8.95 19.00 -9.56
N HIS A 566 7.59 18.99 -9.46
CA HIS A 566 6.74 18.45 -10.55
C HIS A 566 7.26 17.06 -11.02
N TYR A 567 7.45 16.16 -10.06
CA TYR A 567 7.96 14.83 -10.36
C TYR A 567 6.90 13.95 -11.03
N VAL A 568 5.60 14.24 -10.76
CA VAL A 568 4.51 13.44 -11.31
C VAL A 568 3.41 14.34 -11.88
N VAL A 569 2.42 13.73 -12.56
CA VAL A 569 1.22 14.45 -12.99
C VAL A 569 0.14 13.94 -12.01
N PRO A 570 -0.20 14.70 -10.94
CA PRO A 570 -1.21 14.19 -10.00
C PRO A 570 -2.55 13.95 -10.67
N LEU A 571 -3.18 12.85 -10.33
CA LEU A 571 -4.46 12.51 -10.92
C LEU A 571 -5.59 12.89 -9.97
N PHE A 572 -6.31 11.91 -9.45
CA PHE A 572 -7.51 12.16 -8.69
C PHE A 572 -7.83 10.98 -7.79
N TYR A 573 -8.83 11.15 -6.92
CA TYR A 573 -9.23 10.02 -6.06
C TYR A 573 -10.62 10.30 -5.47
N SER A 574 -11.14 9.38 -4.65
CA SER A 574 -12.41 9.60 -3.95
C SER A 574 -12.27 9.21 -2.47
N LYS A 575 -13.25 9.55 -1.64
CA LYS A 575 -13.13 9.33 -0.19
C LYS A 575 -13.83 8.07 0.29
N ALA A 576 -14.36 7.23 -0.62
CA ALA A 576 -15.04 6.01 -0.20
C ALA A 576 -14.73 4.81 -1.08
N LEU A 577 -14.67 3.61 -0.47
CA LEU A 577 -14.47 2.35 -1.20
C LEU A 577 -15.85 1.88 -1.62
N ARG A 578 -16.01 1.45 -2.88
CA ARG A 578 -17.30 0.98 -3.38
C ARG A 578 -17.28 -0.55 -3.29
N VAL A 579 -18.18 -1.12 -2.47
CA VAL A 579 -18.20 -2.58 -2.31
C VAL A 579 -19.60 -3.10 -2.53
N ALA A 580 -19.70 -4.29 -3.13
CA ALA A 580 -21.01 -4.94 -3.30
C ALA A 580 -20.81 -6.38 -2.77
N TYR A 581 -21.83 -6.93 -2.10
CA TYR A 581 -21.70 -8.27 -1.57
C TYR A 581 -23.05 -8.97 -1.43
N TRP A 582 -23.02 -10.31 -1.48
CA TRP A 582 -24.22 -11.10 -1.38
C TRP A 582 -24.72 -11.13 0.08
N ASN A 583 -26.05 -11.07 0.24
CA ASN A 583 -26.71 -10.90 1.55
C ASN A 583 -26.58 -12.08 2.50
N HIS A 584 -25.90 -13.18 2.09
CA HIS A 584 -25.63 -14.27 3.02
C HIS A 584 -24.36 -13.97 3.85
N LEU A 585 -23.65 -12.87 3.53
CA LEU A 585 -22.52 -12.42 4.32
C LEU A 585 -23.05 -11.43 5.32
N ALA A 586 -22.63 -11.57 6.56
CA ALA A 586 -23.01 -10.67 7.64
C ALA A 586 -21.80 -9.85 8.07
N ARG A 587 -22.01 -8.59 8.37
CA ARG A 587 -20.92 -7.74 8.85
C ARG A 587 -21.25 -7.22 10.25
N PRO A 588 -20.23 -6.78 11.04
CA PRO A 588 -20.53 -6.15 12.34
C PRO A 588 -21.49 -4.97 12.13
N LYS A 589 -22.44 -4.75 13.08
CA LYS A 589 -23.40 -3.65 12.97
C LYS A 589 -22.71 -2.31 12.72
N GLU A 590 -21.58 -2.07 13.37
CA GLU A 590 -20.80 -0.85 13.16
C GLU A 590 -19.40 -1.27 12.77
N LEU A 591 -18.95 -0.87 11.60
CA LEU A 591 -17.59 -1.21 11.15
C LEU A 591 -16.55 -0.42 11.98
N PRO A 592 -15.31 -0.93 12.17
CA PRO A 592 -14.33 -0.16 12.96
C PRO A 592 -14.13 1.18 12.28
N TYR A 593 -13.95 2.23 13.07
CA TYR A 593 -13.89 3.57 12.48
C TYR A 593 -12.89 3.72 11.28
N TYR A 594 -11.72 3.09 11.36
CA TYR A 594 -10.70 3.28 10.32
C TYR A 594 -10.51 2.07 9.38
N GLY A 595 -11.51 1.20 9.26
CA GLY A 595 -11.38 0.06 8.36
C GLY A 595 -12.65 -0.71 8.14
N MET A 596 -12.54 -1.86 7.47
CA MET A 596 -13.71 -2.73 7.24
C MET A 596 -13.50 -4.07 7.95
N ASP A 597 -12.23 -4.39 8.34
CA ASP A 597 -11.85 -5.70 8.93
C ASP A 597 -12.52 -6.84 8.14
N PHE A 598 -12.42 -6.76 6.81
CA PHE A 598 -13.00 -7.74 5.91
C PHE A 598 -11.86 -8.64 5.40
N PRO A 599 -12.04 -9.98 5.45
CA PRO A 599 -13.23 -10.72 5.88
C PRO A 599 -13.23 -11.16 7.34
N ASP A 600 -12.15 -10.86 8.09
CA ASP A 600 -11.94 -11.39 9.44
C ASP A 600 -13.07 -11.14 10.46
N ALA A 601 -13.65 -9.95 10.46
CA ALA A 601 -14.76 -9.70 11.44
C ALA A 601 -16.18 -10.04 10.87
N TRP A 602 -16.24 -10.47 9.60
CA TRP A 602 -17.50 -10.81 8.95
C TRP A 602 -17.77 -12.28 9.17
N TRP A 603 -19.00 -12.73 8.89
CA TRP A 603 -19.36 -14.14 9.12
C TRP A 603 -20.48 -14.61 8.21
N SER A 604 -20.83 -15.89 8.27
CA SER A 604 -21.84 -16.47 7.38
C SER A 604 -23.22 -16.42 8.02
N LYS A 605 -24.21 -15.90 7.30
CA LYS A 605 -25.60 -15.91 7.81
C LYS A 605 -26.19 -17.33 7.70
N ASN A 606 -25.70 -18.14 6.74
CA ASN A 606 -26.15 -19.53 6.55
C ASN A 606 -25.82 -20.35 7.80
N THR A 607 -24.60 -20.14 8.37
CA THR A 607 -24.13 -20.77 9.60
C THR A 607 -24.98 -20.32 10.80
N ALA A 608 -25.14 -18.99 11.02
CA ALA A 608 -25.95 -18.43 12.11
C ALA A 608 -27.39 -18.99 12.15
N ALA A 609 -27.97 -19.30 10.95
CA ALA A 609 -29.31 -19.87 10.79
C ALA A 609 -29.36 -21.39 11.06
N LYS A 610 -28.20 -21.98 11.48
CA LYS A 610 -27.99 -23.39 11.83
C LYS A 610 -28.20 -24.32 10.63
N GLY B 1 -6.23 0.65 -3.60
CA GLY B 1 -5.91 0.39 -5.00
C GLY B 1 -6.15 1.62 -5.86
N SER B 2 -5.73 1.55 -7.12
CA SER B 2 -5.93 2.59 -8.10
C SER B 2 -7.44 2.69 -8.40
N ASP B 3 -7.93 3.93 -8.56
CA ASP B 3 -9.32 4.25 -8.91
C ASP B 3 -9.31 4.67 -10.37
N VAL B 4 -10.31 4.22 -11.16
CA VAL B 4 -10.38 4.54 -12.59
C VAL B 4 -11.74 5.13 -12.94
N ALA B 5 -11.86 5.68 -14.17
CA ALA B 5 -13.12 6.23 -14.66
C ALA B 5 -14.13 5.11 -14.81
N SER C 1 5.41 4.96 9.35
CA SER C 1 4.53 3.78 9.42
C SER C 1 3.86 3.58 8.05
N SER C 2 4.00 2.38 7.47
CA SER C 2 3.46 2.01 6.16
C SER C 2 1.95 1.83 6.23
O1 PG4 D . 2.59 -5.28 32.15
C1 PG4 D . 1.65 -5.00 31.12
C2 PG4 D . 2.06 -5.58 29.82
O2 PG4 D . 2.34 -6.97 29.94
C3 PG4 D . 3.35 -7.41 29.04
C4 PG4 D . 3.92 -8.74 29.42
O3 PG4 D . 4.82 -8.62 30.53
C5 PG4 D . 5.97 -9.45 30.41
C6 PG4 D . 6.77 -9.44 31.68
O4 PG4 D . 6.13 -10.21 32.68
C7 PG4 D . 6.90 -10.38 33.85
C8 PG4 D . 6.99 -11.83 34.21
O5 PG4 D . 5.71 -12.39 34.49
O1 PG4 E . -11.51 -18.86 -15.58
C1 PG4 E . -12.08 -18.05 -14.55
C2 PG4 E . -11.19 -18.01 -13.36
O2 PG4 E . -11.18 -19.26 -12.69
C3 PG4 E . -10.53 -19.20 -11.42
C4 PG4 E . -10.59 -20.53 -10.74
O3 PG4 E . -9.82 -21.50 -11.45
C5 PG4 E . -9.47 -22.62 -10.64
C6 PG4 E . -8.73 -23.64 -11.44
O4 PG4 E . -7.58 -23.04 -12.02
C7 PG4 E . -6.66 -23.96 -12.57
C8 PG4 E . -5.35 -23.28 -12.79
O5 PG4 E . -5.50 -22.10 -13.55
C1 EDO F . 17.98 20.07 -26.83
O1 EDO F . 17.26 20.60 -27.94
C2 EDO F . 17.18 18.91 -26.18
O2 EDO F . 17.91 18.35 -25.08
C1 EDO G . 1.67 12.55 -32.89
O1 EDO G . 0.67 13.50 -33.19
C2 EDO G . 1.50 11.37 -33.87
O2 EDO G . 2.65 10.55 -33.86
C1 EDO H . -4.32 -19.83 -14.66
O1 EDO H . -5.09 -19.85 -15.87
C2 EDO H . -4.44 -21.18 -13.94
MG MG I . -6.59 -9.99 8.31
MG MG J . -1.62 -10.32 -6.96
#